data_7BC2
#
_entry.id   7BC2
#
_cell.length_a   94.603
_cell.length_b   94.603
_cell.length_c   32.744
_cell.angle_alpha   90.000
_cell.angle_beta   90.000
_cell.angle_gamma   120.000
#
_symmetry.space_group_name_H-M   'P 31 2 1'
#
loop_
_entity.id
_entity.type
_entity.pdbx_description
1 polymer 'Bromodomain adjacent to zinc finger domain protein 2A'
2 non-polymer 2-(1-methyl-1H-1,2,3-triazol-5-yl)-5-((2-(pyridin-4-yl)pyrrolidin-1-yl)methyl)-1H-benzo[d]imidazole
3 water water
#
_entity_poly.entity_id   1
_entity_poly.type   'polypeptide(L)'
_entity_poly.pdbx_seq_one_letter_code
;SMHSDLTFCEIILMEMESHDAAWPFLEPVNPRLVSGYRRIIKNPMDFSTMRHRLSRGGYTSSEEFAADALLVFDNCQTFN
EDDSEVGKAGHIMRRFFESRWEEFY
;
_entity_poly.pdbx_strand_id   A
#
loop_
_chem_comp.id
_chem_comp.type
_chem_comp.name
_chem_comp.formula
T8Z non-polymer 2-(1-methyl-1H-1,2,3-triazol-5-yl)-5-((2-(pyridin-4-yl)pyrrolidin-1-yl)methyl)-1H-benzo[d]imidazole 'C20 H21 N7'
#
# COMPACT_ATOMS: atom_id res chain seq x y z
N HIS A 3 -1.98 2.69 -21.61
CA HIS A 3 -2.04 1.33 -21.09
C HIS A 3 -3.40 1.03 -20.49
N SER A 4 -3.96 -0.14 -20.81
CA SER A 4 -4.91 -0.73 -19.88
C SER A 4 -4.19 -1.28 -18.65
N ASP A 5 -2.87 -1.42 -18.72
CA ASP A 5 -2.06 -1.68 -17.53
C ASP A 5 -2.31 -0.61 -16.47
N LEU A 6 -2.07 0.65 -16.83
CA LEU A 6 -2.15 1.72 -15.84
C LEU A 6 -3.61 2.07 -15.49
N THR A 7 -4.55 1.82 -16.43
CA THR A 7 -5.95 2.00 -16.09
C THR A 7 -6.37 1.12 -14.92
N PHE A 8 -5.93 -0.15 -14.93
CA PHE A 8 -6.31 -1.05 -13.86
C PHE A 8 -5.64 -0.66 -12.54
N CYS A 9 -4.45 -0.05 -12.60
CA CYS A 9 -3.83 0.45 -11.38
C CYS A 9 -4.59 1.64 -10.82
N GLU A 10 -5.10 2.51 -11.69
CA GLU A 10 -5.98 3.59 -11.23
C GLU A 10 -7.19 3.03 -10.51
N ILE A 11 -7.81 1.98 -11.07
CA ILE A 11 -8.98 1.38 -10.44
C ILE A 11 -8.62 0.78 -9.09
N ILE A 12 -7.52 0.01 -9.06
CA ILE A 12 -7.10 -0.64 -7.81
C ILE A 12 -6.79 0.40 -6.74
N LEU A 13 -6.03 1.43 -7.12
CA LEU A 13 -5.60 2.41 -6.12
C LEU A 13 -6.79 3.18 -5.59
N MET A 14 -7.74 3.53 -6.46
CA MET A 14 -8.95 4.22 -6.04
C MET A 14 -9.73 3.37 -5.04
N GLU A 15 -9.89 2.09 -5.32
CA GLU A 15 -10.64 1.23 -4.40
C GLU A 15 -9.89 1.05 -3.08
N MET A 16 -8.56 0.98 -3.12
CA MET A 16 -7.82 0.88 -1.86
C MET A 16 -7.91 2.17 -1.05
N GLU A 17 -7.78 3.32 -1.71
CA GLU A 17 -7.85 4.60 -1.01
C GLU A 17 -9.17 4.77 -0.25
N SER A 18 -10.26 4.23 -0.77
CA SER A 18 -11.60 4.39 -0.19
C SER A 18 -12.01 3.23 0.73
N HIS A 19 -11.14 2.25 0.91
CA HIS A 19 -11.47 1.06 1.71
C HIS A 19 -11.49 1.39 3.21
N ASP A 20 -12.45 0.79 3.94
CA ASP A 20 -12.53 1.02 5.38
C ASP A 20 -11.22 0.71 6.09
N ALA A 21 -10.49 -0.32 5.65
CA ALA A 21 -9.26 -0.75 6.31
C ALA A 21 -8.03 0.01 5.85
N ALA A 22 -8.18 1.06 5.04
CA ALA A 22 -7.02 1.75 4.48
C ALA A 22 -6.44 2.79 5.41
N TRP A 23 -7.13 3.11 6.52
CA TRP A 23 -6.71 4.26 7.32
C TRP A 23 -5.26 4.24 7.78
N PRO A 24 -4.61 3.10 8.07
CA PRO A 24 -3.19 3.20 8.47
C PRO A 24 -2.25 3.54 7.33
N PHE A 25 -2.71 3.45 6.07
CA PHE A 25 -1.79 3.46 4.93
C PHE A 25 -2.05 4.61 3.97
N LEU A 26 -2.94 5.54 4.33
CA LEU A 26 -3.30 6.64 3.45
C LEU A 26 -2.20 7.67 3.33
N GLU A 27 -1.38 7.83 4.36
CA GLU A 27 -0.30 8.82 4.44
C GLU A 27 0.95 8.13 4.96
N PRO A 28 2.13 8.67 4.67
CA PRO A 28 3.36 8.14 5.27
C PRO A 28 3.24 8.06 6.79
N VAL A 29 3.75 6.97 7.36
CA VAL A 29 3.85 6.90 8.80
C VAL A 29 4.77 8.00 9.29
N ASN A 30 4.34 8.73 10.31
CA ASN A 30 5.14 9.83 10.85
C ASN A 30 6.07 9.26 11.91
N PRO A 31 7.38 9.16 11.66
CA PRO A 31 8.25 8.49 12.64
C PRO A 31 8.34 9.23 13.96
N ARG A 32 8.05 10.53 13.97
CA ARG A 32 8.02 11.28 15.23
C ARG A 32 6.94 10.76 16.17
N LEU A 33 5.92 10.10 15.62
CA LEU A 33 4.76 9.64 16.38
C LEU A 33 4.76 8.14 16.62
N VAL A 34 5.62 7.39 15.93
CA VAL A 34 5.65 5.93 16.00
C VAL A 34 7.07 5.53 16.36
N SER A 35 7.30 5.26 17.63
CA SER A 35 8.64 4.94 18.09
C SER A 35 9.15 3.68 17.40
N GLY A 36 10.40 3.73 16.93
CA GLY A 36 11.06 2.59 16.33
C GLY A 36 10.78 2.39 14.85
N TYR A 37 9.89 3.18 14.25
CA TYR A 37 9.50 2.90 12.87
C TYR A 37 10.65 3.16 11.89
N ARG A 38 11.36 4.24 12.11
CA ARG A 38 12.52 4.68 11.28
C ARG A 38 13.60 3.59 11.30
N ARG A 39 13.90 3.06 12.47
CA ARG A 39 14.90 2.02 12.64
C ARG A 39 14.52 0.74 11.91
N ILE A 40 13.25 0.34 12.02
CA ILE A 40 12.82 -0.99 11.58
C ILE A 40 12.52 -1.01 10.09
N ILE A 41 11.90 0.04 9.55
CA ILE A 41 11.36 0.02 8.19
C ILE A 41 12.34 0.76 7.28
N LYS A 42 12.99 0.02 6.38
CA LYS A 42 14.04 0.60 5.56
C LYS A 42 13.49 1.39 4.38
N ASN A 43 12.36 0.98 3.81
CA ASN A 43 11.81 1.59 2.60
C ASN A 43 10.32 1.81 2.79
N PRO A 44 9.95 2.93 3.41
CA PRO A 44 8.54 3.19 3.68
C PRO A 44 7.74 3.40 2.39
N MET A 45 6.46 3.06 2.44
CA MET A 45 5.59 3.26 1.29
C MET A 45 4.17 3.38 1.81
N ASP A 46 3.36 4.17 1.10
CA ASP A 46 1.97 4.39 1.48
C ASP A 46 1.16 4.77 0.25
N PHE A 47 -0.18 4.78 0.40
CA PHE A 47 -1.04 4.97 -0.77
C PHE A 47 -0.92 6.37 -1.37
N SER A 48 -0.64 7.40 -0.55
CA SER A 48 -0.50 8.74 -1.11
C SER A 48 0.78 8.85 -1.94
N THR A 49 1.86 8.20 -1.48
CA THR A 49 3.07 8.17 -2.29
C THR A 49 2.82 7.49 -3.62
N MET A 50 2.05 6.40 -3.61
CA MET A 50 1.69 5.72 -4.85
C MET A 50 0.80 6.60 -5.72
N ARG A 51 -0.19 7.27 -5.11
CA ARG A 51 -1.03 8.20 -5.87
C ARG A 51 -0.18 9.26 -6.55
N HIS A 52 0.78 9.85 -5.82
CA HIS A 52 1.61 10.89 -6.41
C HIS A 52 2.46 10.33 -7.53
N ARG A 53 3.05 9.14 -7.33
CA ARG A 53 3.86 8.56 -8.39
C ARG A 53 3.00 8.24 -9.61
N LEU A 54 1.76 7.78 -9.38
CA LEU A 54 0.85 7.52 -10.49
C LEU A 54 0.46 8.83 -11.19
N SER A 55 0.21 9.89 -10.43
CA SER A 55 -0.14 11.20 -11.02
C SER A 55 0.99 11.76 -11.87
N ARG A 56 2.24 11.42 -11.56
CA ARG A 56 3.37 11.86 -12.37
C ARG A 56 3.63 10.95 -13.56
N GLY A 57 2.98 9.79 -13.62
CA GLY A 57 3.37 8.80 -14.61
C GLY A 57 4.65 8.08 -14.30
N GLY A 58 5.05 8.01 -13.02
CA GLY A 58 6.28 7.38 -12.60
C GLY A 58 6.26 5.87 -12.54
N TYR A 59 5.14 5.24 -12.90
CA TYR A 59 5.07 3.79 -13.04
C TYR A 59 5.13 3.44 -14.52
N THR A 60 6.20 2.77 -14.93
CA THR A 60 6.37 2.36 -16.32
C THR A 60 5.61 1.08 -16.63
N SER A 61 5.15 0.35 -15.62
CA SER A 61 4.47 -0.92 -15.84
C SER A 61 3.60 -1.20 -14.62
N SER A 62 2.61 -2.08 -14.82
CA SER A 62 1.77 -2.47 -13.68
C SER A 62 2.58 -3.23 -12.63
N GLU A 63 3.68 -3.87 -13.02
CA GLU A 63 4.48 -4.62 -12.05
C GLU A 63 5.17 -3.68 -11.07
N GLU A 64 5.64 -2.52 -11.53
CA GLU A 64 6.22 -1.56 -10.61
C GLU A 64 5.17 -1.04 -9.63
N PHE A 65 3.94 -0.86 -10.11
CA PHE A 65 2.86 -0.46 -9.21
C PHE A 65 2.65 -1.52 -8.14
N ALA A 66 2.60 -2.79 -8.55
CA ALA A 66 2.32 -3.88 -7.61
C ALA A 66 3.45 -4.01 -6.59
N ALA A 67 4.69 -3.78 -7.01
CA ALA A 67 5.80 -3.82 -6.06
C ALA A 67 5.62 -2.80 -4.95
N ASP A 68 5.15 -1.59 -5.28
CA ASP A 68 4.91 -0.61 -4.23
C ASP A 68 3.77 -1.05 -3.31
N ALA A 69 2.69 -1.57 -3.88
CA ALA A 69 1.59 -2.05 -3.05
C ALA A 69 2.06 -3.15 -2.11
N LEU A 70 2.79 -4.12 -2.64
CA LEU A 70 3.27 -5.21 -1.79
C LEU A 70 4.25 -4.70 -0.74
N LEU A 71 4.99 -3.65 -1.05
CA LEU A 71 5.87 -3.05 -0.06
C LEU A 71 5.09 -2.46 1.10
N VAL A 72 3.93 -1.85 0.82
CA VAL A 72 3.07 -1.34 1.91
C VAL A 72 2.75 -2.46 2.89
N PHE A 73 2.37 -3.62 2.37
CA PHE A 73 1.90 -4.69 3.25
C PHE A 73 3.05 -5.47 3.87
N ASP A 74 4.17 -5.59 3.17
CA ASP A 74 5.37 -6.17 3.77
C ASP A 74 5.85 -5.33 4.95
N ASN A 75 5.89 -4.01 4.80
CA ASN A 75 6.27 -3.14 5.91
C ASN A 75 5.29 -3.27 7.07
N CYS A 76 3.99 -3.31 6.74
CA CYS A 76 2.99 -3.43 7.79
C CYS A 76 3.22 -4.67 8.63
N GLN A 77 3.48 -5.81 7.98
CA GLN A 77 3.68 -7.05 8.72
C GLN A 77 5.02 -7.06 9.43
N THR A 78 6.00 -6.31 8.92
CA THR A 78 7.29 -6.22 9.62
C THR A 78 7.14 -5.46 10.92
N PHE A 79 6.43 -4.35 10.89
CA PHE A 79 6.37 -3.48 12.06
C PHE A 79 5.27 -3.85 13.04
N ASN A 80 4.12 -4.34 12.56
CA ASN A 80 2.94 -4.51 13.39
C ASN A 80 2.64 -5.99 13.61
N GLU A 81 2.25 -6.33 14.84
CA GLU A 81 1.83 -7.70 15.12
C GLU A 81 0.53 -8.00 14.37
N ASP A 82 0.37 -9.28 14.00
CA ASP A 82 -0.78 -9.70 13.22
C ASP A 82 -2.10 -9.46 13.94
N ASP A 83 -2.08 -9.40 15.27
CA ASP A 83 -3.30 -9.15 16.03
C ASP A 83 -3.41 -7.71 16.52
N SER A 84 -2.47 -6.84 16.16
CA SER A 84 -2.63 -5.42 16.42
C SER A 84 -3.69 -4.82 15.50
N GLU A 85 -4.21 -3.64 15.88
CA GLU A 85 -5.23 -2.99 15.08
C GLU A 85 -4.72 -2.69 13.67
N VAL A 86 -3.49 -2.16 13.57
CA VAL A 86 -2.93 -1.84 12.26
C VAL A 86 -2.65 -3.12 11.49
N GLY A 87 -2.09 -4.13 12.18
CA GLY A 87 -1.84 -5.41 11.54
C GLY A 87 -3.11 -6.03 10.97
N LYS A 88 -4.19 -6.03 11.74
CA LYS A 88 -5.45 -6.55 11.23
C LYS A 88 -5.93 -5.77 10.01
N ALA A 89 -5.78 -4.44 10.02
CA ALA A 89 -6.17 -3.67 8.83
C ALA A 89 -5.28 -4.00 7.66
N GLY A 90 -3.98 -4.20 7.92
CA GLY A 90 -3.06 -4.50 6.84
C GLY A 90 -3.36 -5.83 6.18
N HIS A 91 -3.79 -6.83 6.96
CA HIS A 91 -4.15 -8.13 6.38
C HIS A 91 -5.39 -8.02 5.51
N ILE A 92 -6.38 -7.23 5.95
CA ILE A 92 -7.55 -6.98 5.10
C ILE A 92 -7.12 -6.31 3.79
N MET A 93 -6.29 -5.27 3.88
CA MET A 93 -5.91 -4.54 2.68
C MET A 93 -5.06 -5.42 1.75
N ARG A 94 -4.15 -6.19 2.32
CA ARG A 94 -3.29 -7.05 1.51
C ARG A 94 -4.11 -8.08 0.74
N ARG A 95 -5.04 -8.76 1.42
CA ARG A 95 -5.89 -9.74 0.73
C ARG A 95 -6.77 -9.06 -0.30
N PHE A 96 -7.24 -7.85 -0.01
CA PHE A 96 -8.04 -7.11 -0.99
C PHE A 96 -7.21 -6.84 -2.23
N PHE A 97 -5.97 -6.35 -2.06
CA PHE A 97 -5.13 -6.07 -3.20
C PHE A 97 -4.86 -7.33 -4.01
N GLU A 98 -4.47 -8.41 -3.33
CA GLU A 98 -4.21 -9.67 -4.01
C GLU A 98 -5.42 -10.13 -4.81
N SER A 99 -6.59 -10.10 -4.18
CA SER A 99 -7.80 -10.57 -4.84
C SER A 99 -8.14 -9.69 -6.05
N ARG A 100 -8.00 -8.38 -5.90
CA ARG A 100 -8.30 -7.49 -7.01
C ARG A 100 -7.24 -7.59 -8.10
N TRP A 101 -5.98 -7.79 -7.71
CA TRP A 101 -4.91 -7.93 -8.69
C TRP A 101 -5.11 -9.16 -9.56
N GLU A 102 -5.48 -10.30 -8.97
CA GLU A 102 -5.76 -11.51 -9.74
C GLU A 102 -6.93 -11.31 -10.70
N GLU A 103 -7.91 -10.51 -10.30
CA GLU A 103 -9.06 -10.25 -11.15
C GLU A 103 -8.68 -9.51 -12.42
N PHE A 104 -7.55 -8.80 -12.44
CA PHE A 104 -7.09 -8.11 -13.63
C PHE A 104 -5.91 -8.77 -14.32
N TYR A 105 -5.21 -9.69 -13.65
CA TYR A 105 -4.06 -10.39 -14.22
C TYR A 105 -4.04 -11.85 -13.80
C10 T8Z B . -1.83 5.69 13.60
C11 T8Z B . -2.74 6.72 13.21
C12 T8Z B . -3.46 7.55 14.27
N13 T8Z B . -2.86 8.54 14.70
C14 T8Z B . -2.28 8.44 15.81
C15 T8Z B . -1.65 9.86 16.00
C16 T8Z B . -1.55 10.46 14.65
C17 T8Z B . -1.99 9.54 13.78
C18 T8Z B . -0.69 9.16 12.99
C19 T8Z B . 0.23 8.26 13.47
C20 T8Z B . 1.36 7.95 12.70
N21 T8Z B . 1.57 8.54 11.51
C22 T8Z B . 0.73 9.40 11.02
C23 T8Z B . -0.43 9.75 11.73
C24 T8Z B . -2.99 6.95 11.84
C25 T8Z B . -2.32 6.20 10.85
C01 T8Z B . 2.15 1.95 13.11
C05 T8Z B . 1.05 2.12 9.66
C06 T8Z B . 0.96 2.53 10.96
C07 T8Z B . 0.08 3.55 11.39
C09 T8Z B . -1.15 4.92 12.57
C26 T8Z B . -1.38 5.17 11.25
N02 T8Z B . 1.86 1.85 11.67
N03 T8Z B . 2.49 0.99 10.81
N04 T8Z B . 1.98 1.16 9.57
N08 T8Z B . -0.24 3.89 12.63
N27 T8Z B . -0.61 4.30 10.53
#